data_2XC9
#
_entry.id   2XC9
#
_cell.length_a   93.722
_cell.length_b   102.125
_cell.length_c   53.004
_cell.angle_alpha   90.00
_cell.angle_beta   90.00
_cell.angle_gamma   90.00
#
_symmetry.space_group_name_H-M   'P 21 21 2'
#
loop_
_entity.id
_entity.type
_entity.pdbx_description
1 polymer 'DNA POLYMERASE IV'
2 polymer "5'-D(*GP*GP*GP*GP*GP*AP*AP*GP*GP*AP*TP*TP*CP*G)-3'"
3 polymer "5'-D(*TP*CP*AP*CP*GNEP*GP*AP*AP*TP*CP*CP*TP*TP* CP*CP*CP*CP*C)-3'"
4 water water
#
loop_
_entity_poly.entity_id
_entity_poly.type
_entity_poly.pdbx_seq_one_letter_code
_entity_poly.pdbx_strand_id
1 'polypeptide(L)'
;HHHHHHMIVLFVDFDYFYAQVEEVLNPSLKGKPVVVCVFSGRFEDSGAVATANYEARKFGVKAGIPIVEAKKILPNAVYL
PMRKEVYQQVSSRIMNLLREYSEKIEIASIDEAYLDISDKVRDYREAYNLGLEIKNKILEKEKITVTVGISKNKVFAKIA
ADMAKPNGIKVIDDEEVKRLIRELDIADVPGIGNITAEKLKKLGINKLVDTLSIEFDKLKGMIGEAKAKYLISLARDEYN
EPIRTRVRKSIGRIVTMKRNSRNLEEIKPYLFRAIEESYYKLDKRIPKAIHVVAVTEDLDIVSRGRTFPHGISKETAYSE
SVKLLQKILEEDERKIRRIGVRFSKFIEAIGLDKFFDT
;
A
2 'polydeoxyribonucleotide' (DG)(DG)(DG)(DG)(DG)(DA)(DA)(DG)(DG)(DA)(DT)(DT)(DC)(DG) P
3 'polydeoxyribonucleotide' (DT)(DC)(DA)(DC)(GNE)(DG)(DA)(DA)(DT)(DC)(DC)(DT)(DT)(DC)(DC)(DC)(DC)(DC) T
#
loop_
_chem_comp.id
_chem_comp.type
_chem_comp.name
_chem_comp.formula
DA DNA linking 2'-DEOXYADENOSINE-5'-MONOPHOSPHATE 'C10 H14 N5 O6 P'
DC DNA linking 2'-DEOXYCYTIDINE-5'-MONOPHOSPHATE 'C9 H14 N3 O7 P'
DG DNA linking 2'-DEOXYGUANOSINE-5'-MONOPHOSPHATE 'C10 H14 N5 O7 P'
DT DNA linking THYMIDINE-5'-MONOPHOSPHATE 'C10 H15 N2 O8 P'
GNE DNA linking 1,N2-ETHENOGUANINE 'C12 H14 N5 O7 P'
#
# COMPACT_ATOMS: atom_id res chain seq x y z
N MET A 7 -0.45 -26.56 0.68
CA MET A 7 -0.59 -25.33 1.51
C MET A 7 -1.81 -24.53 1.05
N ILE A 8 -2.50 -23.90 1.99
CA ILE A 8 -3.67 -23.13 1.60
C ILE A 8 -3.67 -21.73 2.21
N VAL A 9 -3.74 -20.74 1.34
CA VAL A 9 -3.72 -19.35 1.76
C VAL A 9 -5.03 -18.64 1.49
N LEU A 10 -5.49 -17.90 2.50
CA LEU A 10 -6.73 -17.13 2.43
C LEU A 10 -6.37 -15.65 2.59
N PHE A 11 -6.64 -14.86 1.57
CA PHE A 11 -6.34 -13.43 1.59
C PHE A 11 -7.61 -12.63 1.86
N VAL A 12 -7.51 -11.67 2.76
CA VAL A 12 -8.64 -10.82 3.12
C VAL A 12 -8.30 -9.39 2.74
N ASP A 13 -9.16 -8.77 1.94
CA ASP A 13 -8.96 -7.38 1.50
C ASP A 13 -10.19 -6.54 1.84
N PHE A 14 -10.05 -5.55 2.74
CA PHE A 14 -11.18 -4.70 3.13
C PHE A 14 -11.55 -3.74 2.00
N ASP A 15 -12.72 -3.93 1.39
CA ASP A 15 -13.17 -3.12 0.27
C ASP A 15 -13.15 -1.61 0.50
N TYR A 16 -12.63 -0.87 -0.47
N TYR A 16 -12.67 -0.85 -0.47
CA TYR A 16 -12.55 0.59 -0.43
CA TYR A 16 -12.60 0.61 -0.43
C TYR A 16 -12.52 1.09 1.01
C TYR A 16 -12.54 1.08 1.03
N PHE A 17 -11.65 0.47 1.79
CA PHE A 17 -11.52 0.73 3.19
C PHE A 17 -11.75 2.09 3.83
N TYR A 18 -11.00 3.10 3.41
CA TYR A 18 -11.15 4.41 3.99
C TYR A 18 -12.56 4.93 3.84
N ALA A 19 -13.15 4.75 2.66
CA ALA A 19 -14.51 5.23 2.42
C ALA A 19 -15.55 4.42 3.20
N GLN A 20 -15.31 3.13 3.34
CA GLN A 20 -16.24 2.29 4.08
C GLN A 20 -16.25 2.70 5.55
N VAL A 21 -15.08 3.01 6.09
CA VAL A 21 -15.01 3.41 7.48
C VAL A 21 -15.81 4.68 7.67
N GLU A 22 -15.67 5.60 6.73
CA GLU A 22 -16.42 6.84 6.83
C GLU A 22 -17.91 6.51 6.83
N GLU A 23 -18.29 5.49 6.07
CA GLU A 23 -19.69 5.09 6.01
C GLU A 23 -20.15 4.47 7.35
N VAL A 24 -19.26 3.72 7.99
CA VAL A 24 -19.59 3.11 9.28
C VAL A 24 -19.74 4.22 10.34
N LEU A 25 -18.92 5.26 10.24
CA LEU A 25 -19.00 6.35 11.21
C LEU A 25 -20.18 7.32 10.95
N ASN A 26 -20.72 7.28 9.73
CA ASN A 26 -21.87 8.11 9.35
C ASN A 26 -22.65 7.28 8.35
N PRO A 27 -23.37 6.27 8.84
CA PRO A 27 -24.18 5.36 8.01
C PRO A 27 -25.18 5.96 7.05
N SER A 28 -25.43 7.26 7.17
CA SER A 28 -26.37 7.90 6.24
C SER A 28 -25.69 8.08 4.89
N LEU A 29 -24.40 7.75 4.83
CA LEU A 29 -23.65 7.86 3.56
C LEU A 29 -23.82 6.63 2.68
N LYS A 30 -24.34 5.56 3.24
CA LYS A 30 -24.51 4.33 2.47
C LYS A 30 -25.26 4.56 1.17
N GLY A 31 -24.76 3.98 0.09
CA GLY A 31 -25.42 4.15 -1.19
C GLY A 31 -25.07 5.42 -1.94
N LYS A 32 -24.44 6.38 -1.27
CA LYS A 32 -24.05 7.63 -1.93
C LYS A 32 -22.60 7.49 -2.40
N PRO A 33 -22.16 8.35 -3.31
CA PRO A 33 -20.77 8.26 -3.78
C PRO A 33 -19.94 8.91 -2.68
N VAL A 34 -18.95 8.18 -2.15
CA VAL A 34 -18.11 8.72 -1.09
C VAL A 34 -16.66 8.75 -1.56
N VAL A 35 -16.05 9.91 -1.42
CA VAL A 35 -14.69 10.14 -1.89
C VAL A 35 -13.79 10.65 -0.77
N VAL A 36 -12.83 9.82 -0.36
CA VAL A 36 -11.92 10.22 0.68
C VAL A 36 -10.70 10.85 0.00
N CYS A 37 -10.39 12.09 0.34
CA CYS A 37 -9.28 12.81 -0.30
C CYS A 37 -8.17 13.33 0.60
N VAL A 38 -7.04 13.64 -0.02
CA VAL A 38 -5.93 14.25 0.67
C VAL A 38 -5.85 15.68 0.13
N PHE A 39 -6.35 16.64 0.89
CA PHE A 39 -6.32 18.04 0.47
C PHE A 39 -4.94 18.60 0.79
N SER A 40 -4.17 18.93 -0.23
CA SER A 40 -2.83 19.45 -0.03
C SER A 40 -2.79 20.93 0.37
N GLY A 41 -3.93 21.61 0.31
CA GLY A 41 -4.00 23.00 0.71
C GLY A 41 -3.15 24.04 -0.02
N ARG A 42 -2.80 23.79 -1.29
CA ARG A 42 -2.01 24.72 -2.07
C ARG A 42 -2.91 25.74 -2.75
N PHE A 43 -4.18 25.37 -2.90
CA PHE A 43 -5.20 26.23 -3.50
C PHE A 43 -6.51 25.47 -3.33
N GLU A 44 -7.64 26.12 -3.57
CA GLU A 44 -8.94 25.47 -3.39
C GLU A 44 -9.01 24.12 -4.10
N ASP A 45 -9.34 23.09 -3.35
CA ASP A 45 -9.47 21.74 -3.86
C ASP A 45 -8.20 21.13 -4.42
N SER A 46 -7.04 21.65 -4.02
CA SER A 46 -5.80 21.09 -4.51
C SER A 46 -5.61 19.76 -3.79
N GLY A 47 -5.16 18.74 -4.51
CA GLY A 47 -4.95 17.46 -3.90
C GLY A 47 -5.47 16.30 -4.74
N ALA A 48 -5.63 15.15 -4.11
CA ALA A 48 -6.09 13.99 -4.85
C ALA A 48 -6.99 13.07 -4.04
N VAL A 49 -7.67 12.19 -4.74
CA VAL A 49 -8.55 11.21 -4.14
C VAL A 49 -7.65 10.10 -3.56
N ALA A 50 -7.90 9.71 -2.31
CA ALA A 50 -7.15 8.65 -1.66
C ALA A 50 -7.87 7.33 -1.84
N THR A 51 -9.19 7.36 -1.76
CA THR A 51 -10.02 6.15 -1.90
C THR A 51 -11.46 6.57 -2.13
N ALA A 52 -12.20 5.82 -2.94
CA ALA A 52 -13.60 6.12 -3.18
C ALA A 52 -14.37 4.81 -3.20
N ASN A 53 -15.65 4.84 -2.82
CA ASN A 53 -16.40 3.60 -2.85
C ASN A 53 -16.87 3.31 -4.29
N TYR A 54 -17.53 2.17 -4.46
CA TYR A 54 -18.01 1.73 -5.76
C TYR A 54 -18.93 2.74 -6.44
N GLU A 55 -19.80 3.37 -5.67
CA GLU A 55 -20.72 4.33 -6.23
C GLU A 55 -19.97 5.44 -6.96
N ALA A 56 -18.76 5.74 -6.53
CA ALA A 56 -17.96 6.77 -7.18
C ALA A 56 -17.00 6.16 -8.22
N ARG A 57 -16.46 4.98 -7.92
CA ARG A 57 -15.54 4.32 -8.85
C ARG A 57 -16.18 3.98 -10.19
N LYS A 58 -17.45 3.57 -10.18
CA LYS A 58 -18.06 3.18 -11.44
C LYS A 58 -18.10 4.32 -12.47
N PHE A 59 -18.05 5.57 -11.99
CA PHE A 59 -18.07 6.72 -12.86
C PHE A 59 -16.66 7.25 -13.12
N GLY A 60 -15.66 6.47 -12.74
CA GLY A 60 -14.28 6.88 -12.99
C GLY A 60 -13.59 7.71 -11.92
N VAL A 61 -14.24 7.91 -10.78
CA VAL A 61 -13.59 8.68 -9.72
C VAL A 61 -12.88 7.65 -8.83
N LYS A 62 -11.56 7.64 -8.90
CA LYS A 62 -10.78 6.68 -8.12
C LYS A 62 -9.49 7.27 -7.57
N ALA A 63 -8.79 6.50 -6.74
CA ALA A 63 -7.55 6.94 -6.12
C ALA A 63 -6.57 7.50 -7.15
N GLY A 64 -6.06 8.70 -6.88
CA GLY A 64 -5.12 9.32 -7.78
C GLY A 64 -5.71 10.41 -8.67
N ILE A 65 -7.02 10.44 -8.83
CA ILE A 65 -7.60 11.47 -9.66
C ILE A 65 -7.61 12.77 -8.88
N PRO A 66 -7.14 13.86 -9.51
CA PRO A 66 -7.14 15.15 -8.79
C PRO A 66 -8.54 15.45 -8.30
N ILE A 67 -8.64 16.03 -7.12
CA ILE A 67 -9.93 16.37 -6.54
C ILE A 67 -10.76 17.23 -7.49
N VAL A 68 -10.12 18.21 -8.11
CA VAL A 68 -10.82 19.11 -9.04
C VAL A 68 -11.46 18.30 -10.17
N GLU A 69 -10.70 17.37 -10.73
CA GLU A 69 -11.20 16.52 -11.80
C GLU A 69 -12.38 15.68 -11.32
N ALA A 70 -12.28 15.15 -10.11
CA ALA A 70 -13.33 14.33 -9.54
C ALA A 70 -14.65 15.10 -9.43
N LYS A 71 -14.59 16.35 -9.01
CA LYS A 71 -15.81 17.14 -8.86
C LYS A 71 -16.51 17.44 -10.19
N LYS A 72 -15.75 17.52 -11.28
CA LYS A 72 -16.37 17.77 -12.58
C LYS A 72 -17.22 16.54 -12.95
N ILE A 73 -16.76 15.36 -12.53
CA ILE A 73 -17.48 14.12 -12.82
C ILE A 73 -18.63 13.88 -11.87
N LEU A 74 -18.40 14.08 -10.57
CA LEU A 74 -19.44 13.87 -9.57
C LEU A 74 -19.47 15.06 -8.62
N PRO A 75 -20.01 16.19 -9.08
CA PRO A 75 -20.09 17.42 -8.28
C PRO A 75 -20.87 17.27 -6.99
N ASN A 76 -21.81 16.33 -6.93
CA ASN A 76 -22.61 16.16 -5.71
C ASN A 76 -22.22 14.98 -4.81
N ALA A 77 -21.07 14.37 -5.07
CA ALA A 77 -20.64 13.24 -4.25
C ALA A 77 -20.17 13.83 -2.93
N VAL A 78 -19.94 12.99 -1.93
CA VAL A 78 -19.47 13.50 -0.65
C VAL A 78 -17.95 13.39 -0.57
N TYR A 79 -17.29 14.53 -0.44
CA TYR A 79 -15.84 14.59 -0.34
C TYR A 79 -15.42 14.76 1.13
N LEU A 80 -14.61 13.84 1.62
CA LEU A 80 -14.17 13.85 3.01
C LEU A 80 -12.66 13.82 3.15
N PRO A 81 -12.12 14.48 4.19
CA PRO A 81 -10.67 14.50 4.42
C PRO A 81 -10.25 13.17 5.00
N MET A 82 -9.03 12.76 4.74
CA MET A 82 -8.56 11.50 5.26
C MET A 82 -8.30 11.54 6.77
N ARG A 83 -8.86 10.57 7.49
CA ARG A 83 -8.68 10.47 8.94
C ARG A 83 -7.97 9.15 9.18
N LYS A 84 -6.70 9.14 8.82
CA LYS A 84 -5.83 7.97 8.90
C LYS A 84 -5.75 7.23 10.25
N GLU A 85 -5.71 7.96 11.37
CA GLU A 85 -5.61 7.31 12.67
C GLU A 85 -6.86 6.52 13.01
N VAL A 86 -8.02 7.07 12.66
CA VAL A 86 -9.25 6.35 12.92
C VAL A 86 -9.22 5.07 12.09
N TYR A 87 -8.86 5.17 10.82
CA TYR A 87 -8.82 3.99 9.96
C TYR A 87 -7.88 2.93 10.54
N GLN A 88 -6.75 3.37 11.08
CA GLN A 88 -5.77 2.43 11.61
C GLN A 88 -6.28 1.70 12.84
N GLN A 89 -6.98 2.42 13.72
CA GLN A 89 -7.52 1.78 14.90
C GLN A 89 -8.60 0.79 14.49
N VAL A 90 -9.44 1.15 13.53
CA VAL A 90 -10.48 0.22 13.08
C VAL A 90 -9.81 -1.02 12.47
N SER A 91 -8.79 -0.77 11.65
CA SER A 91 -8.08 -1.86 10.99
C SER A 91 -7.47 -2.87 11.99
N SER A 92 -6.85 -2.35 13.05
CA SER A 92 -6.25 -3.20 14.08
C SER A 92 -7.29 -4.09 14.74
N ARG A 93 -8.46 -3.55 15.01
CA ARG A 93 -9.49 -4.37 15.63
C ARG A 93 -9.84 -5.52 14.71
N ILE A 94 -9.96 -5.23 13.42
CA ILE A 94 -10.29 -6.27 12.46
C ILE A 94 -9.19 -7.31 12.36
N MET A 95 -7.93 -6.88 12.41
CA MET A 95 -6.81 -7.81 12.34
C MET A 95 -6.88 -8.77 13.53
N ASN A 96 -7.32 -8.27 14.68
CA ASN A 96 -7.42 -9.13 15.86
C ASN A 96 -8.49 -10.19 15.68
N LEU A 97 -9.59 -9.85 15.00
CA LEU A 97 -10.65 -10.82 14.75
C LEU A 97 -10.11 -11.95 13.88
N LEU A 98 -9.13 -11.61 13.03
CA LEU A 98 -8.52 -12.59 12.12
C LEU A 98 -7.56 -13.53 12.83
N ARG A 99 -6.88 -13.04 13.87
CA ARG A 99 -5.95 -13.88 14.60
C ARG A 99 -6.66 -15.09 15.22
N GLU A 100 -7.97 -14.96 15.43
CA GLU A 100 -8.75 -16.04 16.01
C GLU A 100 -8.82 -17.21 15.05
N TYR A 101 -8.53 -16.95 13.78
CA TYR A 101 -8.60 -18.00 12.77
C TYR A 101 -7.28 -18.63 12.40
N SER A 102 -6.18 -18.02 12.81
CA SER A 102 -4.88 -18.59 12.50
C SER A 102 -3.75 -17.93 13.26
N GLU A 103 -2.74 -18.73 13.62
CA GLU A 103 -1.59 -18.23 14.34
C GLU A 103 -0.69 -17.49 13.35
N LYS A 104 -0.46 -18.15 12.22
CA LYS A 104 0.37 -17.58 11.17
C LYS A 104 -0.46 -16.66 10.30
N ILE A 105 -0.34 -15.36 10.57
CA ILE A 105 -1.08 -14.35 9.85
C ILE A 105 -0.11 -13.27 9.41
N GLU A 106 -0.26 -12.78 8.18
CA GLU A 106 0.62 -11.75 7.68
C GLU A 106 -0.18 -10.48 7.39
N ILE A 107 0.01 -9.47 8.21
CA ILE A 107 -0.68 -8.20 8.04
C ILE A 107 0.09 -7.46 6.96
N ALA A 108 -0.39 -7.52 5.72
CA ALA A 108 0.28 -6.88 4.59
C ALA A 108 0.16 -5.36 4.59
N SER A 109 -1.00 -4.83 4.94
CA SER A 109 -1.17 -3.37 4.98
C SER A 109 -2.38 -3.04 5.84
N ILE A 110 -2.71 -1.76 5.91
CA ILE A 110 -3.85 -1.35 6.71
C ILE A 110 -5.12 -2.09 6.31
N ASP A 111 -5.21 -2.54 5.06
CA ASP A 111 -6.41 -3.25 4.63
C ASP A 111 -6.19 -4.61 3.98
N GLU A 112 -5.07 -5.25 4.26
CA GLU A 112 -4.79 -6.56 3.67
C GLU A 112 -4.08 -7.48 4.66
N ALA A 113 -4.44 -8.75 4.64
CA ALA A 113 -3.83 -9.73 5.51
C ALA A 113 -3.92 -11.11 4.91
N TYR A 114 -2.88 -11.91 5.10
CA TYR A 114 -2.89 -13.27 4.59
C TYR A 114 -2.94 -14.20 5.78
N LEU A 115 -3.68 -15.29 5.63
CA LEU A 115 -3.78 -16.28 6.69
C LEU A 115 -3.42 -17.64 6.12
N ASP A 116 -2.53 -18.32 6.83
CA ASP A 116 -2.12 -19.66 6.45
C ASP A 116 -3.04 -20.58 7.23
N ILE A 117 -4.06 -21.11 6.55
CA ILE A 117 -5.03 -21.99 7.19
C ILE A 117 -4.85 -23.44 6.76
N SER A 118 -3.60 -23.85 6.61
CA SER A 118 -3.30 -25.22 6.20
C SER A 118 -3.51 -26.13 7.41
N ASP A 119 -2.89 -25.76 8.53
CA ASP A 119 -3.04 -26.53 9.76
C ASP A 119 -4.31 -26.04 10.43
N LYS A 120 -5.40 -26.00 9.66
CA LYS A 120 -6.67 -25.53 10.19
C LYS A 120 -7.83 -25.95 9.29
N VAL A 121 -7.51 -26.37 8.07
CA VAL A 121 -8.53 -26.79 7.11
C VAL A 121 -8.00 -27.72 6.03
N ARG A 122 -8.85 -28.61 5.55
CA ARG A 122 -8.51 -29.55 4.51
C ARG A 122 -9.39 -29.30 3.29
N ASP A 123 -8.80 -29.33 2.10
CA ASP A 123 -9.56 -29.08 0.87
C ASP A 123 -10.06 -27.64 0.77
N TYR A 124 -10.47 -27.23 -0.44
CA TYR A 124 -11.00 -25.89 -0.70
C TYR A 124 -12.49 -25.77 -0.49
N ARG A 125 -13.09 -26.66 0.29
CA ARG A 125 -14.51 -26.52 0.51
C ARG A 125 -14.53 -25.92 1.92
N GLU A 126 -13.74 -26.51 2.79
CA GLU A 126 -13.64 -26.04 4.16
C GLU A 126 -13.05 -24.63 4.19
N ALA A 127 -12.18 -24.32 3.23
CA ALA A 127 -11.57 -23.00 3.15
C ALA A 127 -12.60 -21.95 2.80
N TYR A 128 -13.41 -22.24 1.79
CA TYR A 128 -14.47 -21.35 1.34
C TYR A 128 -15.41 -21.08 2.51
N ASN A 129 -15.69 -22.12 3.31
CA ASN A 129 -16.58 -22.00 4.46
C ASN A 129 -15.95 -21.16 5.55
N LEU A 130 -14.65 -21.35 5.75
CA LEU A 130 -13.92 -20.60 6.76
C LEU A 130 -13.91 -19.14 6.31
N GLY A 131 -13.98 -18.94 4.99
CA GLY A 131 -13.99 -17.60 4.44
C GLY A 131 -15.28 -16.90 4.78
N LEU A 132 -16.40 -17.55 4.47
CA LEU A 132 -17.73 -17.01 4.74
C LEU A 132 -17.86 -16.69 6.21
N GLU A 133 -17.26 -17.55 7.02
CA GLU A 133 -17.27 -17.45 8.47
C GLU A 133 -16.54 -16.17 8.86
N ILE A 134 -15.43 -15.88 8.18
CA ILE A 134 -14.64 -14.69 8.45
C ILE A 134 -15.36 -13.43 7.97
N LYS A 135 -15.97 -13.49 6.80
CA LYS A 135 -16.69 -12.34 6.28
C LYS A 135 -17.84 -11.95 7.21
N ASN A 136 -18.75 -12.88 7.46
N ASN A 136 -18.75 -12.88 7.46
CA ASN A 136 -19.90 -12.63 8.34
CA ASN A 136 -19.90 -12.63 8.34
C ASN A 136 -19.46 -12.06 9.67
C ASN A 136 -19.46 -12.06 9.67
N LYS A 137 -18.42 -12.65 10.24
CA LYS A 137 -17.86 -12.23 11.51
C LYS A 137 -17.51 -10.74 11.45
N ILE A 138 -16.64 -10.38 10.51
CA ILE A 138 -16.22 -8.99 10.35
C ILE A 138 -17.37 -8.04 10.07
N LEU A 139 -18.31 -8.44 9.22
CA LEU A 139 -19.44 -7.58 8.91
C LEU A 139 -20.27 -7.31 10.17
N GLU A 140 -20.36 -8.32 11.01
CA GLU A 140 -21.11 -8.27 12.27
C GLU A 140 -20.46 -7.43 13.35
N LYS A 141 -19.17 -7.64 13.58
CA LYS A 141 -18.46 -6.92 14.62
C LYS A 141 -18.07 -5.50 14.27
N GLU A 142 -17.82 -5.23 13.00
CA GLU A 142 -17.36 -3.90 12.59
C GLU A 142 -18.16 -3.24 11.48
N LYS A 143 -19.12 -3.97 10.91
CA LYS A 143 -19.97 -3.47 9.84
C LYS A 143 -19.17 -3.26 8.57
N ILE A 144 -18.00 -3.88 8.48
CA ILE A 144 -17.15 -3.74 7.31
C ILE A 144 -17.27 -4.94 6.36
N THR A 145 -17.30 -4.65 5.07
CA THR A 145 -17.38 -5.68 4.04
C THR A 145 -15.95 -6.01 3.56
N VAL A 146 -15.68 -7.28 3.29
CA VAL A 146 -14.38 -7.68 2.81
C VAL A 146 -14.47 -8.73 1.70
N THR A 147 -13.40 -8.82 0.90
CA THR A 147 -13.34 -9.79 -0.17
C THR A 147 -12.31 -10.82 0.27
N VAL A 148 -12.60 -12.08 -0.03
CA VAL A 148 -11.70 -13.15 0.36
C VAL A 148 -11.18 -13.90 -0.85
N GLY A 149 -9.87 -14.12 -0.90
CA GLY A 149 -9.27 -14.85 -2.00
C GLY A 149 -8.64 -16.11 -1.44
N ILE A 150 -8.78 -17.22 -2.14
CA ILE A 150 -8.22 -18.47 -1.64
C ILE A 150 -7.46 -19.20 -2.74
N SER A 151 -6.26 -19.68 -2.41
CA SER A 151 -5.44 -20.39 -3.40
C SER A 151 -4.26 -21.07 -2.71
N LYS A 152 -3.33 -21.59 -3.50
CA LYS A 152 -2.17 -22.29 -2.96
C LYS A 152 -1.04 -21.42 -2.40
N ASN A 153 -0.96 -20.17 -2.84
CA ASN A 153 0.08 -19.26 -2.33
C ASN A 153 -0.45 -17.83 -2.18
N LYS A 154 0.35 -16.97 -1.55
CA LYS A 154 -0.04 -15.59 -1.32
C LYS A 154 -0.39 -14.83 -2.59
N VAL A 155 0.37 -15.07 -3.64
CA VAL A 155 0.15 -14.38 -4.91
C VAL A 155 -1.20 -14.68 -5.52
N PHE A 156 -1.52 -15.95 -5.69
CA PHE A 156 -2.81 -16.28 -6.29
C PHE A 156 -3.99 -16.03 -5.36
N ALA A 157 -3.73 -15.97 -4.05
CA ALA A 157 -4.78 -15.67 -3.10
C ALA A 157 -5.16 -14.20 -3.36
N LYS A 158 -4.14 -13.38 -3.57
CA LYS A 158 -4.37 -11.97 -3.83
C LYS A 158 -5.06 -11.76 -5.17
N ILE A 159 -4.63 -12.50 -6.19
CA ILE A 159 -5.24 -12.38 -7.51
C ILE A 159 -6.72 -12.76 -7.50
N ALA A 160 -7.07 -13.78 -6.72
CA ALA A 160 -8.45 -14.23 -6.59
C ALA A 160 -9.31 -13.13 -5.98
N ALA A 161 -8.77 -12.47 -4.95
CA ALA A 161 -9.51 -11.40 -4.30
C ALA A 161 -9.71 -10.27 -5.30
N ASP A 162 -8.66 -9.94 -6.04
CA ASP A 162 -8.78 -8.87 -7.03
C ASP A 162 -9.90 -9.18 -8.01
N MET A 163 -10.10 -10.47 -8.29
CA MET A 163 -11.14 -10.84 -9.23
C MET A 163 -12.53 -10.90 -8.62
N ALA A 164 -12.62 -11.08 -7.31
CA ALA A 164 -13.93 -11.16 -6.65
C ALA A 164 -14.42 -9.86 -6.02
N LYS A 165 -13.54 -8.88 -5.85
CA LYS A 165 -13.95 -7.63 -5.22
C LYS A 165 -15.02 -6.92 -6.03
N PRO A 166 -15.96 -6.23 -5.35
CA PRO A 166 -16.06 -6.09 -3.89
C PRO A 166 -17.02 -7.09 -3.25
N ASN A 167 -16.95 -7.17 -1.92
CA ASN A 167 -17.78 -8.07 -1.13
C ASN A 167 -17.88 -9.45 -1.75
N GLY A 168 -16.75 -9.98 -2.17
CA GLY A 168 -16.76 -11.30 -2.78
C GLY A 168 -15.92 -12.34 -2.08
N ILE A 169 -15.81 -13.50 -2.72
CA ILE A 169 -15.03 -14.60 -2.23
C ILE A 169 -14.76 -15.44 -3.47
N LYS A 170 -13.54 -15.93 -3.60
CA LYS A 170 -13.18 -16.72 -4.76
C LYS A 170 -12.01 -17.62 -4.46
N VAL A 171 -12.05 -18.82 -5.01
CA VAL A 171 -10.98 -19.78 -4.84
C VAL A 171 -10.35 -19.98 -6.20
N ILE A 172 -9.04 -20.13 -6.22
CA ILE A 172 -8.34 -20.37 -7.46
C ILE A 172 -7.62 -21.69 -7.27
N ASP A 173 -8.22 -22.76 -7.77
CA ASP A 173 -7.59 -24.04 -7.59
C ASP A 173 -6.43 -24.24 -8.53
N ASP A 174 -5.66 -25.28 -8.22
CA ASP A 174 -4.47 -25.68 -8.96
C ASP A 174 -4.70 -25.70 -10.45
N GLU A 175 -5.94 -25.91 -10.87
CA GLU A 175 -6.23 -25.94 -12.30
C GLU A 175 -6.33 -24.53 -12.88
N GLU A 176 -7.04 -23.64 -12.19
CA GLU A 176 -7.18 -22.26 -12.65
C GLU A 176 -5.81 -21.60 -12.63
N VAL A 177 -4.99 -21.99 -11.66
CA VAL A 177 -3.65 -21.46 -11.53
C VAL A 177 -2.90 -21.65 -12.84
N LYS A 178 -2.81 -22.91 -13.26
CA LYS A 178 -2.13 -23.25 -14.50
C LYS A 178 -2.65 -22.47 -15.70
N ARG A 179 -3.96 -22.23 -15.73
CA ARG A 179 -4.54 -21.46 -16.84
C ARG A 179 -4.09 -20.00 -16.74
N LEU A 180 -4.21 -19.42 -15.56
CA LEU A 180 -3.82 -18.03 -15.32
C LEU A 180 -2.37 -17.79 -15.74
N ILE A 181 -1.50 -18.75 -15.45
CA ILE A 181 -0.10 -18.64 -15.82
C ILE A 181 0.03 -18.46 -17.33
N ARG A 182 -1.01 -18.84 -18.07
CA ARG A 182 -1.00 -18.71 -19.52
C ARG A 182 -1.72 -17.47 -19.99
N GLU A 183 -2.88 -17.17 -19.42
CA GLU A 183 -3.67 -16.05 -19.89
C GLU A 183 -3.72 -14.74 -19.10
N LEU A 184 -3.19 -14.72 -17.87
CA LEU A 184 -3.24 -13.47 -17.08
C LEU A 184 -2.20 -12.44 -17.53
N ASP A 185 -2.65 -11.19 -17.71
CA ASP A 185 -1.76 -10.12 -18.12
C ASP A 185 -0.68 -10.02 -17.03
N ILE A 186 0.58 -10.05 -17.43
CA ILE A 186 1.70 -9.98 -16.50
C ILE A 186 1.58 -8.74 -15.61
N ALA A 187 0.87 -7.72 -16.10
CA ALA A 187 0.68 -6.48 -15.36
C ALA A 187 -0.33 -6.62 -14.22
N ASP A 188 -1.03 -7.74 -14.18
CA ASP A 188 -2.01 -7.99 -13.15
C ASP A 188 -1.42 -8.81 -12.01
N VAL A 189 -0.13 -9.12 -12.09
CA VAL A 189 0.52 -9.90 -11.05
C VAL A 189 0.99 -8.95 -9.95
N PRO A 190 0.53 -9.17 -8.70
CA PRO A 190 0.98 -8.27 -7.64
C PRO A 190 2.49 -8.16 -7.58
N GLY A 191 2.97 -7.00 -7.15
CA GLY A 191 4.41 -6.78 -7.05
C GLY A 191 5.01 -6.26 -8.35
N ILE A 192 4.24 -6.34 -9.44
CA ILE A 192 4.72 -5.88 -10.74
C ILE A 192 4.02 -4.57 -11.07
N GLY A 193 4.70 -3.47 -10.83
CA GLY A 193 4.11 -2.16 -11.09
C GLY A 193 4.26 -1.70 -12.52
N ASN A 194 3.85 -0.46 -12.77
CA ASN A 194 3.94 0.14 -14.11
C ASN A 194 5.31 0.03 -14.75
N ILE A 195 6.34 0.46 -14.02
CA ILE A 195 7.70 0.42 -14.54
C ILE A 195 8.13 -0.97 -14.99
N THR A 196 8.03 -1.94 -14.09
CA THR A 196 8.42 -3.30 -14.44
C THR A 196 7.61 -3.85 -15.61
N ALA A 197 6.31 -3.58 -15.62
CA ALA A 197 5.42 -4.06 -16.66
C ALA A 197 5.95 -3.68 -18.05
N GLU A 198 6.29 -2.41 -18.24
CA GLU A 198 6.78 -1.97 -19.53
C GLU A 198 8.12 -2.62 -19.90
N LYS A 199 9.00 -2.75 -18.92
CA LYS A 199 10.28 -3.40 -19.17
C LYS A 199 10.08 -4.84 -19.65
N LEU A 200 9.14 -5.56 -19.05
CA LEU A 200 8.89 -6.94 -19.43
C LEU A 200 8.34 -7.04 -20.86
N LYS A 201 7.42 -6.15 -21.21
N LYS A 201 7.42 -6.16 -21.22
CA LYS A 201 6.85 -6.16 -22.55
CA LYS A 201 6.85 -6.19 -22.56
C LYS A 201 7.94 -5.99 -23.60
C LYS A 201 7.93 -5.97 -23.63
N LYS A 202 8.82 -5.02 -23.37
CA LYS A 202 9.91 -4.73 -24.30
C LYS A 202 10.86 -5.92 -24.37
N LEU A 203 10.75 -6.82 -23.39
CA LEU A 203 11.58 -8.00 -23.34
C LEU A 203 10.82 -9.13 -24.01
N GLY A 204 9.56 -8.86 -24.33
CA GLY A 204 8.71 -9.85 -25.00
C GLY A 204 7.86 -10.70 -24.08
N ILE A 205 7.62 -10.20 -22.86
CA ILE A 205 6.82 -10.91 -21.88
C ILE A 205 5.51 -10.19 -21.55
N ASN A 206 4.38 -10.81 -21.88
CA ASN A 206 3.06 -10.24 -21.63
C ASN A 206 2.22 -11.18 -20.77
N LYS A 207 2.73 -12.39 -20.57
CA LYS A 207 2.06 -13.41 -19.76
C LYS A 207 3.12 -14.11 -18.92
N LEU A 208 2.75 -14.63 -17.76
CA LEU A 208 3.72 -15.30 -16.91
C LEU A 208 4.50 -16.39 -17.63
N VAL A 209 3.78 -17.25 -18.34
CA VAL A 209 4.43 -18.36 -19.05
C VAL A 209 5.59 -17.88 -19.92
N ASP A 210 5.47 -16.68 -20.48
CA ASP A 210 6.52 -16.14 -21.34
C ASP A 210 7.87 -15.92 -20.67
N THR A 211 7.88 -15.72 -19.36
CA THR A 211 9.12 -15.50 -18.63
C THR A 211 10.08 -16.69 -18.74
N LEU A 212 9.53 -17.86 -19.04
CA LEU A 212 10.35 -19.06 -19.15
C LEU A 212 10.99 -19.18 -20.54
N SER A 213 10.58 -18.32 -21.47
CA SER A 213 11.12 -18.34 -22.84
C SER A 213 12.29 -17.38 -23.02
N ILE A 214 12.60 -16.62 -21.97
CA ILE A 214 13.71 -15.66 -22.04
C ILE A 214 14.91 -16.19 -21.28
N GLU A 215 16.07 -15.59 -21.56
CA GLU A 215 17.31 -15.96 -20.91
C GLU A 215 17.31 -15.30 -19.55
N PHE A 216 17.55 -16.08 -18.50
CA PHE A 216 17.57 -15.53 -17.17
C PHE A 216 18.53 -14.35 -17.00
N ASP A 217 19.75 -14.45 -17.49
CA ASP A 217 20.62 -13.31 -17.28
C ASP A 217 20.17 -12.09 -18.09
N LYS A 218 19.22 -12.27 -19.02
CA LYS A 218 18.73 -11.10 -19.73
C LYS A 218 17.58 -10.53 -18.89
N LEU A 219 16.70 -11.41 -18.43
CA LEU A 219 15.55 -11.02 -17.61
C LEU A 219 16.07 -10.30 -16.37
N LYS A 220 17.05 -10.91 -15.73
CA LYS A 220 17.68 -10.37 -14.53
C LYS A 220 18.32 -9.02 -14.80
N GLY A 221 18.86 -8.85 -16.00
CA GLY A 221 19.50 -7.59 -16.33
C GLY A 221 18.51 -6.43 -16.33
N MET A 222 17.29 -6.69 -16.79
CA MET A 222 16.27 -5.65 -16.86
C MET A 222 15.51 -5.31 -15.57
N ILE A 223 14.95 -6.32 -14.93
CA ILE A 223 14.16 -6.10 -13.73
C ILE A 223 14.83 -6.52 -12.43
N GLY A 224 16.04 -7.05 -12.53
CA GLY A 224 16.75 -7.46 -11.32
C GLY A 224 16.58 -8.93 -10.96
N GLU A 225 17.54 -9.42 -10.21
CA GLU A 225 17.58 -10.81 -9.78
C GLU A 225 16.36 -11.24 -8.97
N ALA A 226 16.03 -10.46 -7.95
CA ALA A 226 14.90 -10.76 -7.08
C ALA A 226 13.58 -10.84 -7.82
N LYS A 227 13.30 -9.85 -8.66
CA LYS A 227 12.04 -9.87 -9.41
C LYS A 227 12.05 -10.98 -10.46
N ALA A 228 13.23 -11.26 -11.01
CA ALA A 228 13.37 -12.29 -12.02
C ALA A 228 12.98 -13.64 -11.42
N LYS A 229 13.61 -14.01 -10.31
CA LYS A 229 13.32 -15.28 -9.65
C LYS A 229 11.87 -15.34 -9.19
N TYR A 230 11.34 -14.18 -8.83
CA TYR A 230 9.95 -14.09 -8.38
C TYR A 230 9.02 -14.53 -9.52
N LEU A 231 9.17 -13.93 -10.68
CA LEU A 231 8.32 -14.27 -11.82
C LEU A 231 8.56 -15.70 -12.31
N ILE A 232 9.82 -16.12 -12.36
CA ILE A 232 10.14 -17.46 -12.81
C ILE A 232 9.47 -18.47 -11.88
N SER A 233 9.64 -18.28 -10.58
CA SER A 233 9.04 -19.18 -9.60
C SER A 233 7.53 -19.26 -9.84
N LEU A 234 6.89 -18.12 -10.03
CA LEU A 234 5.45 -18.12 -10.25
C LEU A 234 5.08 -18.87 -11.51
N ALA A 235 5.88 -18.69 -12.56
CA ALA A 235 5.62 -19.33 -13.84
C ALA A 235 5.71 -20.85 -13.78
N ARG A 236 6.65 -21.35 -12.97
N ARG A 236 6.65 -21.36 -12.99
CA ARG A 236 6.87 -22.79 -12.82
CA ARG A 236 6.85 -22.80 -12.84
C ARG A 236 5.92 -23.38 -11.78
C ARG A 236 5.91 -23.38 -11.79
N ASP A 237 5.04 -22.54 -11.24
CA ASP A 237 4.10 -22.99 -10.21
C ASP A 237 4.92 -23.53 -9.03
N GLU A 238 5.92 -22.76 -8.61
CA GLU A 238 6.77 -23.16 -7.50
C GLU A 238 6.91 -22.10 -6.41
N TYR A 239 6.24 -20.95 -6.58
CA TYR A 239 6.32 -19.89 -5.58
C TYR A 239 5.63 -20.33 -4.29
N ASN A 240 6.35 -20.29 -3.17
CA ASN A 240 5.76 -20.72 -1.92
C ASN A 240 6.31 -19.95 -0.72
N GLU A 241 6.27 -18.63 -0.79
CA GLU A 241 6.76 -17.82 0.32
C GLU A 241 5.85 -18.00 1.53
N PRO A 242 6.42 -18.13 2.72
CA PRO A 242 5.62 -18.32 3.94
C PRO A 242 4.93 -17.07 4.46
N ILE A 243 3.74 -17.28 5.02
CA ILE A 243 2.95 -16.20 5.59
C ILE A 243 3.56 -15.81 6.92
N ARG A 244 4.10 -14.59 6.99
CA ARG A 244 4.72 -14.10 8.22
C ARG A 244 4.64 -12.58 8.21
N THR A 245 4.16 -11.99 9.30
CA THR A 245 4.04 -10.54 9.35
C THR A 245 5.42 -9.93 9.60
N ARG A 246 5.78 -8.96 8.78
CA ARG A 246 7.07 -8.30 8.89
C ARG A 246 6.92 -7.18 9.90
N VAL A 247 8.05 -6.64 10.32
CA VAL A 247 8.08 -5.55 11.27
C VAL A 247 8.43 -4.28 10.53
N ARG A 248 7.84 -3.16 10.95
CA ARG A 248 8.11 -1.87 10.33
C ARG A 248 9.58 -1.52 10.43
N LYS A 249 10.22 -1.37 9.28
CA LYS A 249 11.63 -1.03 9.23
C LYS A 249 11.88 0.48 9.32
N SER A 250 10.88 1.30 9.00
CA SER A 250 11.08 2.74 9.05
C SER A 250 9.79 3.52 9.24
N ILE A 251 9.93 4.77 9.65
CA ILE A 251 8.77 5.64 9.89
C ILE A 251 9.13 7.06 9.53
N GLY A 252 8.22 7.73 8.84
CA GLY A 252 8.50 9.10 8.43
C GLY A 252 7.26 9.84 8.01
N ARG A 253 7.43 11.09 7.61
CA ARG A 253 6.33 11.93 7.21
C ARG A 253 6.85 12.95 6.21
N ILE A 254 6.10 13.16 5.13
CA ILE A 254 6.48 14.14 4.11
C ILE A 254 5.29 15.07 3.98
N VAL A 255 5.55 16.37 3.97
CA VAL A 255 4.47 17.32 3.87
C VAL A 255 4.62 18.25 2.68
N THR A 256 3.51 18.50 2.00
CA THR A 256 3.49 19.39 0.85
C THR A 256 3.38 20.81 1.36
N MET A 257 4.28 21.68 0.89
CA MET A 257 4.27 23.08 1.32
C MET A 257 3.28 23.89 0.49
N LYS A 258 2.71 24.93 1.08
CA LYS A 258 1.76 25.79 0.37
C LYS A 258 2.34 26.27 -0.96
N ARG A 259 3.59 26.73 -0.92
CA ARG A 259 4.27 27.24 -2.11
C ARG A 259 5.65 26.62 -2.29
N ASN A 260 6.06 26.40 -3.53
CA ASN A 260 7.38 25.83 -3.78
C ASN A 260 8.42 26.90 -3.40
N SER A 261 9.60 26.46 -2.98
CA SER A 261 10.66 27.39 -2.60
C SER A 261 11.95 26.66 -2.30
N ARG A 262 13.01 27.44 -2.08
CA ARG A 262 14.30 26.88 -1.76
C ARG A 262 14.91 27.70 -0.64
N ASN A 263 14.06 28.31 0.17
CA ASN A 263 14.51 29.12 1.29
C ASN A 263 14.49 28.35 2.61
N LEU A 264 15.68 28.13 3.17
CA LEU A 264 15.85 27.40 4.41
C LEU A 264 14.85 27.78 5.51
N GLU A 265 14.76 29.07 5.81
CA GLU A 265 13.85 29.52 6.85
C GLU A 265 12.38 29.32 6.51
N GLU A 266 12.07 29.18 5.23
CA GLU A 266 10.70 28.95 4.80
C GLU A 266 10.37 27.46 4.83
N ILE A 267 11.41 26.64 4.73
CA ILE A 267 11.23 25.20 4.71
C ILE A 267 11.25 24.57 6.10
N LYS A 268 12.16 25.03 6.95
CA LYS A 268 12.27 24.50 8.31
C LYS A 268 10.97 24.20 9.05
N PRO A 269 10.00 25.13 9.02
CA PRO A 269 8.75 24.86 9.72
C PRO A 269 8.09 23.54 9.32
N TYR A 270 8.05 23.29 8.01
CA TYR A 270 7.45 22.06 7.50
C TYR A 270 8.30 20.86 7.91
N LEU A 271 9.62 21.01 7.81
CA LEU A 271 10.57 19.96 8.17
C LEU A 271 10.41 19.60 9.65
N PHE A 272 10.31 20.61 10.51
CA PHE A 272 10.14 20.39 11.92
C PHE A 272 8.79 19.74 12.24
N ARG A 273 7.75 20.19 11.54
N ARG A 273 7.74 20.19 11.56
CA ARG A 273 6.41 19.64 11.72
CA ARG A 273 6.42 19.61 11.77
C ARG A 273 6.45 18.14 11.42
C ARG A 273 6.50 18.12 11.45
N ALA A 274 7.14 17.79 10.34
CA ALA A 274 7.29 16.40 9.92
C ALA A 274 8.07 15.61 10.96
N ILE A 275 9.11 16.23 11.53
CA ILE A 275 9.90 15.55 12.54
C ILE A 275 9.03 15.27 13.77
N GLU A 276 8.31 16.30 14.23
CA GLU A 276 7.44 16.12 15.40
C GLU A 276 6.44 14.99 15.21
N GLU A 277 5.82 14.92 14.03
CA GLU A 277 4.83 13.88 13.77
C GLU A 277 5.47 12.50 13.68
N SER A 278 6.65 12.42 13.07
CA SER A 278 7.35 11.15 12.95
C SER A 278 7.71 10.61 14.33
N TYR A 279 8.12 11.50 15.24
CA TYR A 279 8.49 11.08 16.59
C TYR A 279 7.33 10.57 17.40
N TYR A 280 6.17 11.18 17.19
CA TYR A 280 4.97 10.75 17.89
C TYR A 280 4.68 9.31 17.45
N LYS A 281 4.74 9.07 16.15
CA LYS A 281 4.49 7.75 15.59
C LYS A 281 5.51 6.70 16.02
N LEU A 282 6.77 7.11 16.17
CA LEU A 282 7.81 6.17 16.58
C LEU A 282 7.46 5.56 17.93
N ASP A 283 6.79 6.35 18.77
CA ASP A 283 6.40 5.90 20.09
C ASP A 283 7.64 5.47 20.89
N LYS A 284 7.74 4.19 21.25
CA LYS A 284 8.86 3.74 22.04
C LYS A 284 10.05 3.19 21.24
N ARG A 285 10.08 3.47 19.94
CA ARG A 285 11.19 3.02 19.10
C ARG A 285 12.21 4.15 18.97
N ILE A 286 13.50 3.80 19.11
CA ILE A 286 14.58 4.78 19.00
C ILE A 286 15.35 4.52 17.71
N PRO A 287 15.32 5.47 16.76
CA PRO A 287 16.05 5.26 15.50
C PRO A 287 17.53 5.62 15.56
N LYS A 288 18.33 4.94 14.74
CA LYS A 288 19.75 5.23 14.66
C LYS A 288 20.07 5.90 13.32
N ALA A 289 19.08 5.94 12.43
CA ALA A 289 19.25 6.54 11.11
C ALA A 289 18.17 7.56 10.79
N ILE A 290 18.57 8.65 10.14
CA ILE A 290 17.65 9.71 9.76
C ILE A 290 17.92 10.12 8.32
N HIS A 291 16.84 10.30 7.57
CA HIS A 291 16.95 10.70 6.17
C HIS A 291 16.02 11.90 5.96
N VAL A 292 16.48 12.89 5.22
CA VAL A 292 15.64 14.04 4.90
C VAL A 292 15.31 13.83 3.42
N VAL A 293 14.04 13.98 3.08
CA VAL A 293 13.58 13.76 1.71
C VAL A 293 12.91 15.00 1.17
N ALA A 294 13.33 15.41 -0.02
CA ALA A 294 12.78 16.59 -0.66
C ALA A 294 12.22 16.26 -2.04
N VAL A 295 10.97 16.64 -2.28
CA VAL A 295 10.35 16.42 -3.58
C VAL A 295 10.41 17.78 -4.25
N THR A 296 11.20 17.87 -5.30
CA THR A 296 11.38 19.12 -6.05
C THR A 296 10.18 19.50 -6.92
N GLU A 297 10.16 20.75 -7.35
CA GLU A 297 9.10 21.29 -8.19
C GLU A 297 8.66 20.39 -9.34
N ASP A 298 9.63 19.75 -10.00
CA ASP A 298 9.34 18.86 -11.13
C ASP A 298 9.09 17.44 -10.64
N LEU A 299 8.56 17.32 -9.43
CA LEU A 299 8.27 16.05 -8.78
C LEU A 299 9.37 15.00 -8.75
N ASP A 300 10.63 15.44 -8.70
CA ASP A 300 11.74 14.51 -8.61
C ASP A 300 12.15 14.48 -7.13
N ILE A 301 12.48 13.30 -6.61
CA ILE A 301 12.83 13.16 -5.21
C ILE A 301 14.34 13.09 -4.93
N VAL A 302 14.78 13.90 -3.97
CA VAL A 302 16.19 13.93 -3.57
C VAL A 302 16.25 13.67 -2.07
N SER A 303 17.16 12.80 -1.66
CA SER A 303 17.27 12.53 -0.24
C SER A 303 18.72 12.40 0.20
N ARG A 304 18.96 12.69 1.47
CA ARG A 304 20.28 12.61 2.06
C ARG A 304 20.05 12.19 3.49
N GLY A 305 20.83 11.23 3.95
CA GLY A 305 20.64 10.77 5.32
C GLY A 305 21.93 10.53 6.05
N ARG A 306 21.81 10.09 7.28
CA ARG A 306 22.96 9.79 8.11
C ARG A 306 22.59 8.73 9.15
N THR A 307 23.52 7.81 9.38
CA THR A 307 23.32 6.76 10.35
C THR A 307 24.29 7.01 11.52
N PHE A 308 23.78 6.94 12.74
CA PHE A 308 24.59 7.14 13.94
C PHE A 308 24.83 5.84 14.69
N PRO A 309 25.93 5.77 15.46
CA PRO A 309 26.26 4.59 16.23
C PRO A 309 25.39 4.45 17.47
N HIS A 310 24.43 5.37 17.61
CA HIS A 310 23.52 5.35 18.76
C HIS A 310 22.16 5.91 18.37
N GLY A 311 21.22 5.84 19.30
CA GLY A 311 19.88 6.36 19.06
C GLY A 311 19.87 7.87 18.83
N ILE A 312 18.86 8.34 18.11
CA ILE A 312 18.73 9.74 17.79
C ILE A 312 17.67 10.43 18.65
N SER A 313 18.08 11.38 19.48
CA SER A 313 17.15 12.13 20.32
C SER A 313 16.45 13.12 19.40
N LYS A 314 15.33 13.68 19.85
CA LYS A 314 14.61 14.63 19.01
C LYS A 314 15.44 15.89 18.76
N GLU A 315 16.27 16.28 19.72
CA GLU A 315 17.09 17.47 19.53
C GLU A 315 18.15 17.19 18.47
N THR A 316 18.73 15.99 18.49
CA THR A 316 19.72 15.63 17.50
C THR A 316 19.07 15.58 16.11
N ALA A 317 17.81 15.12 16.07
CA ALA A 317 17.07 15.02 14.81
C ALA A 317 16.88 16.40 14.18
N TYR A 318 16.52 17.38 14.99
CA TYR A 318 16.32 18.75 14.52
C TYR A 318 17.58 19.34 13.88
N SER A 319 18.70 19.24 14.59
CA SER A 319 19.92 19.80 14.06
C SER A 319 20.44 19.01 12.87
N GLU A 320 20.39 17.69 12.96
CA GLU A 320 20.89 16.87 11.86
C GLU A 320 20.05 17.06 10.60
N SER A 321 18.74 17.22 10.75
CA SER A 321 17.88 17.36 9.59
C SER A 321 18.14 18.65 8.82
N VAL A 322 18.62 19.67 9.51
CA VAL A 322 18.91 20.93 8.84
C VAL A 322 20.19 20.80 8.03
N LYS A 323 21.17 20.07 8.55
CA LYS A 323 22.42 19.86 7.84
C LYS A 323 22.15 19.05 6.56
N LEU A 324 21.26 18.08 6.66
CA LEU A 324 20.92 17.25 5.52
C LEU A 324 20.14 18.06 4.49
N LEU A 325 19.22 18.91 4.96
CA LEU A 325 18.45 19.72 4.04
C LEU A 325 19.37 20.71 3.35
N GLN A 326 20.38 21.17 4.06
CA GLN A 326 21.32 22.12 3.48
C GLN A 326 22.15 21.43 2.42
N LYS A 327 22.54 20.18 2.70
CA LYS A 327 23.31 19.40 1.76
C LYS A 327 22.46 19.24 0.50
N ILE A 328 21.15 19.05 0.69
CA ILE A 328 20.23 18.89 -0.44
C ILE A 328 20.11 20.16 -1.26
N LEU A 329 19.88 21.29 -0.59
CA LEU A 329 19.74 22.57 -1.28
C LEU A 329 21.01 22.91 -2.03
N GLU A 330 22.13 22.38 -1.54
CA GLU A 330 23.44 22.62 -2.13
C GLU A 330 23.66 21.74 -3.36
N GLU A 331 23.24 20.49 -3.28
CA GLU A 331 23.41 19.56 -4.39
C GLU A 331 22.26 19.51 -5.40
N ASP A 332 21.52 20.61 -5.51
CA ASP A 332 20.41 20.70 -6.46
C ASP A 332 19.82 22.11 -6.44
N GLU A 333 19.66 22.71 -7.61
CA GLU A 333 19.14 24.06 -7.73
C GLU A 333 17.62 24.16 -7.84
N ARG A 334 16.98 23.01 -8.01
CA ARG A 334 15.52 23.00 -8.12
C ARG A 334 14.81 23.42 -6.85
N LYS A 335 13.66 24.06 -7.02
CA LYS A 335 12.87 24.46 -5.86
C LYS A 335 12.29 23.19 -5.31
N ILE A 336 11.89 23.27 -4.04
CA ILE A 336 11.35 22.14 -3.34
C ILE A 336 9.85 22.33 -3.17
N ARG A 337 9.07 21.25 -3.31
CA ARG A 337 7.61 21.28 -3.18
C ARG A 337 7.13 20.55 -1.92
N ARG A 338 7.74 19.41 -1.62
CA ARG A 338 7.37 18.66 -0.41
C ARG A 338 8.67 18.44 0.34
N ILE A 339 8.60 18.40 1.67
CA ILE A 339 9.80 18.16 2.46
C ILE A 339 9.41 17.22 3.58
N GLY A 340 10.33 16.37 3.99
CA GLY A 340 10.02 15.43 5.06
C GLY A 340 11.20 14.64 5.56
N VAL A 341 10.93 13.71 6.47
CA VAL A 341 11.97 12.89 7.06
C VAL A 341 11.51 11.45 7.29
N ARG A 342 12.48 10.56 7.40
CA ARG A 342 12.21 9.16 7.67
C ARG A 342 13.26 8.65 8.67
N PHE A 343 12.79 7.94 9.68
CA PHE A 343 13.66 7.36 10.71
C PHE A 343 13.70 5.84 10.53
N SER A 344 14.86 5.25 10.79
CA SER A 344 15.00 3.81 10.66
C SER A 344 16.11 3.25 11.54
N LYS A 345 16.42 1.96 11.35
CA LYS A 345 17.44 1.28 12.12
C LYS A 345 17.17 1.50 13.60
N PHE A 346 16.00 1.04 14.03
CA PHE A 346 15.57 1.19 15.42
C PHE A 346 16.42 0.31 16.32
N ILE A 347 16.70 0.77 17.52
CA ILE A 347 17.51 0.00 18.45
C ILE A 347 16.77 -1.26 18.87
N GLU A 348 17.43 -2.32 18.96
P GNE C 5 -0.24 17.08 -4.84
OP1 GNE C 5 -0.82 18.27 -4.19
OP2 GNE C 5 1.11 17.18 -5.46
O5' GNE C 5 -0.23 15.89 -3.81
C5' GNE C 5 -1.43 15.62 -3.15
C4' GNE C 5 -1.25 14.45 -2.20
O4' GNE C 5 -1.17 13.19 -2.91
C3' GNE C 5 0.12 14.64 -1.52
O3' GNE C 5 -0.18 14.62 -0.12
C2' GNE C 5 1.03 13.58 -2.15
C1' GNE C 5 0.04 12.50 -2.61
N9 GNE C 5 0.50 11.63 -3.72
C8 GNE C 5 1.04 12.04 -4.86
N7 GNE C 5 1.28 11.00 -5.65
C5 GNE C 5 0.89 9.90 -5.01
C6 GNE C 5 0.87 8.54 -5.37
O6 GNE C 5 1.22 8.19 -6.47
N1 GNE C 5 0.34 7.61 -4.45
C2 GNE C 5 -0.13 8.08 -3.22
N2 GNE C 5 -0.53 7.06 -2.46
CM2 GNE C 5 -0.43 5.82 -3.24
N3 GNE C 5 -0.09 9.39 -2.94
C11 GNE C 5 0.19 6.30 -4.54
C4 GNE C 5 0.40 10.32 -3.78
#